data_4LUL
#
_entry.id   4LUL
#
_cell.length_a   41.300
_cell.length_b   60.030
_cell.length_c   146.670
_cell.angle_alpha   90.00
_cell.angle_beta   90.00
_cell.angle_gamma   90.00
#
_symmetry.space_group_name_H-M   'P 21 21 21'
#
loop_
_entity.id
_entity.type
_entity.pdbx_description
1 polymer 'Glucose-6-phosphate isomerase'
2 non-polymer 'MANGANESE (II) ION'
3 water water
#
_entity_poly.entity_id   1
_entity_poly.type   'polypeptide(L)'
_entity_poly.pdbx_seq_one_letter_code
;MYKEPFGVKVDFETGIIEGAKKSVRRLSDMEGYFVDERAWKELVEKEDPVVYEVYAVEQEEKEGDLNFATTVLYPGKVGK
EFFFTKGHFHAKLDRAEVYVALKGKGGMLLQTPEGDAKWISMEPGTVVYVPADWAHRTVNIGDEPFIFLAIYPADAGHDY
GTIAEKGFSKIVIEENGEVKVVDNPRWKK
;
_entity_poly.pdbx_strand_id   A,B
#
loop_
_chem_comp.id
_chem_comp.type
_chem_comp.name
_chem_comp.formula
MN non-polymer 'MANGANESE (II) ION' 'Mn 2'
#
# COMPACT_ATOMS: atom_id res chain seq x y z
N MET A 1 0.93 -7.37 -25.96
CA MET A 1 0.99 -5.88 -26.11
C MET A 1 1.00 -5.10 -24.77
N TYR A 2 0.02 -5.36 -23.92
CA TYR A 2 -0.07 -4.66 -22.62
C TYR A 2 0.27 -5.59 -21.46
N LYS A 3 0.72 -4.99 -20.36
CA LYS A 3 0.95 -5.74 -19.14
C LYS A 3 -0.43 -6.03 -18.55
N GLU A 4 -0.65 -7.25 -18.08
CA GLU A 4 -1.96 -7.62 -17.57
C GLU A 4 -2.14 -7.08 -16.14
N PRO A 5 -3.25 -6.39 -15.87
CA PRO A 5 -3.54 -6.08 -14.46
C PRO A 5 -3.90 -7.38 -13.75
N PHE A 6 -3.75 -7.41 -12.43
CA PHE A 6 -4.13 -8.63 -11.69
C PHE A 6 -4.47 -8.30 -10.25
N GLY A 7 -5.20 -9.21 -9.61
CA GLY A 7 -5.52 -9.12 -8.19
C GLY A 7 -4.97 -10.33 -7.48
N VAL A 8 -4.50 -10.14 -6.25
CA VAL A 8 -4.08 -11.26 -5.40
C VAL A 8 -4.76 -11.04 -4.05
N LYS A 9 -4.98 -12.11 -3.31
CA LYS A 9 -5.53 -11.98 -1.96
C LYS A 9 -4.43 -12.02 -0.93
N VAL A 10 -4.47 -11.06 -0.01
CA VAL A 10 -3.67 -11.06 1.21
C VAL A 10 -4.60 -11.40 2.37
N ASP A 11 -4.25 -12.40 3.18
CA ASP A 11 -4.97 -12.68 4.43
C ASP A 11 -4.34 -11.81 5.52
N PHE A 12 -5.09 -10.84 6.02
CA PHE A 12 -4.54 -9.87 7.00
C PHE A 12 -4.08 -10.49 8.32
N GLU A 13 -4.67 -11.62 8.70
CA GLU A 13 -4.35 -12.28 9.96
C GLU A 13 -3.06 -13.10 9.90
N THR A 14 -2.70 -13.57 8.70
CA THR A 14 -1.52 -14.42 8.51
C THR A 14 -0.39 -13.77 7.69
N GLY A 15 -0.74 -12.78 6.87
CA GLY A 15 0.22 -12.17 5.97
C GLY A 15 0.41 -12.92 4.65
N ILE A 16 -0.21 -14.09 4.51
CA ILE A 16 0.01 -14.93 3.35
C ILE A 16 -0.58 -14.32 2.08
N ILE A 17 0.25 -14.27 1.04
CA ILE A 17 -0.22 -13.99 -0.31
C ILE A 17 0.00 -15.27 -1.11
N GLU A 18 -1.08 -16.03 -1.33
CA GLU A 18 -0.95 -17.24 -2.13
C GLU A 18 -0.56 -16.80 -3.54
N GLY A 19 0.48 -17.43 -4.09
CA GLY A 19 1.01 -17.05 -5.40
C GLY A 19 2.13 -16.02 -5.36
N ALA A 20 2.58 -15.65 -4.16
CA ALA A 20 3.74 -14.77 -4.03
C ALA A 20 4.98 -15.66 -3.87
N LYS A 21 6.15 -15.09 -4.11
CA LYS A 21 7.41 -15.75 -3.78
C LYS A 21 7.64 -15.62 -2.26
N LYS A 22 7.73 -16.75 -1.58
CA LYS A 22 7.93 -16.78 -0.13
C LYS A 22 9.42 -16.94 0.25
N SER A 23 9.86 -16.12 1.20
CA SER A 23 11.23 -16.14 1.74
C SER A 23 11.16 -16.29 3.24
N VAL A 24 12.00 -17.19 3.79
CA VAL A 24 12.08 -17.39 5.23
C VAL A 24 13.47 -17.00 5.75
N ARG A 25 13.51 -16.19 6.81
CA ARG A 25 14.78 -15.86 7.46
C ARG A 25 14.81 -16.33 8.92
N ARG A 26 15.77 -17.20 9.21
CA ARG A 26 15.95 -17.74 10.57
C ARG A 26 17.07 -16.97 11.25
N LEU A 27 17.15 -17.06 12.58
CA LEU A 27 18.26 -16.43 13.31
C LEU A 27 19.65 -16.69 12.71
N SER A 28 19.89 -17.91 12.22
CA SER A 28 21.19 -18.29 11.61
C SER A 28 21.53 -17.50 10.36
N ASP A 29 20.52 -16.96 9.70
CA ASP A 29 20.71 -16.08 8.55
C ASP A 29 21.12 -14.66 8.96
N MET A 30 21.16 -14.39 10.26
CA MET A 30 21.40 -13.03 10.74
C MET A 30 22.65 -12.91 11.61
N GLU A 31 23.68 -13.69 11.26
CA GLU A 31 24.92 -13.64 12.01
C GLU A 31 25.51 -12.24 11.95
N GLY A 32 25.85 -11.70 13.11
CA GLY A 32 26.52 -10.41 13.19
C GLY A 32 25.56 -9.24 13.28
N TYR A 33 24.26 -9.52 13.25
CA TYR A 33 23.25 -8.45 13.27
C TYR A 33 22.88 -7.98 14.67
N PHE A 34 22.94 -8.89 15.64
CA PHE A 34 22.52 -8.60 17.01
C PHE A 34 23.72 -8.26 17.89
N VAL A 35 23.48 -7.44 18.92
CA VAL A 35 24.54 -6.98 19.83
C VAL A 35 25.04 -8.08 20.77
N ASP A 36 24.13 -8.87 21.35
CA ASP A 36 24.52 -9.95 22.25
C ASP A 36 24.84 -11.21 21.44
N GLU A 37 26.10 -11.35 21.05
CA GLU A 37 26.54 -12.46 20.20
C GLU A 37 26.48 -13.83 20.88
N ARG A 38 26.64 -13.85 22.20
CA ARG A 38 26.57 -15.09 22.96
C ARG A 38 25.12 -15.57 22.99
N ALA A 39 24.20 -14.63 23.17
CA ALA A 39 22.78 -14.93 23.19
C ALA A 39 22.35 -15.42 21.82
N TRP A 40 22.94 -14.81 20.77
CA TRP A 40 22.64 -15.19 19.39
C TRP A 40 23.04 -16.66 19.12
N LYS A 41 24.26 -17.03 19.51
CA LYS A 41 24.77 -18.38 19.29
C LYS A 41 23.94 -19.41 20.05
N GLU A 42 23.66 -19.11 21.31
CA GLU A 42 22.89 -19.99 22.17
C GLU A 42 21.51 -20.25 21.56
N LEU A 43 20.83 -19.21 21.10
CA LEU A 43 19.49 -19.36 20.53
C LEU A 43 19.52 -20.09 19.18
N VAL A 44 20.54 -19.84 18.37
CA VAL A 44 20.69 -20.55 17.10
C VAL A 44 20.83 -22.05 17.36
N GLU A 45 21.71 -22.40 18.29
CA GLU A 45 22.00 -23.80 18.59
C GLU A 45 20.92 -24.51 19.42
N LYS A 46 20.09 -23.74 20.12
CA LYS A 46 18.98 -24.30 20.90
C LYS A 46 17.65 -24.39 20.15
N GLU A 47 17.42 -23.48 19.19
CA GLU A 47 16.12 -23.40 18.51
C GLU A 47 16.22 -23.01 17.02
N ASP A 48 17.14 -22.10 16.70
CA ASP A 48 17.20 -21.38 15.40
C ASP A 48 15.80 -20.96 14.89
N PRO A 49 15.12 -20.11 15.66
CA PRO A 49 13.76 -19.70 15.34
C PRO A 49 13.66 -18.97 14.01
N VAL A 50 12.52 -19.09 13.35
CA VAL A 50 12.16 -18.20 12.26
C VAL A 50 12.06 -16.77 12.83
N VAL A 51 12.75 -15.83 12.20
CA VAL A 51 12.66 -14.43 12.66
C VAL A 51 11.61 -13.73 11.84
N TYR A 52 11.69 -13.86 10.51
CA TYR A 52 10.63 -13.34 9.64
C TYR A 52 10.44 -14.10 8.34
N GLU A 53 9.24 -13.94 7.79
CA GLU A 53 8.87 -14.47 6.47
C GLU A 53 8.40 -13.31 5.59
N VAL A 54 8.72 -13.38 4.30
CA VAL A 54 8.30 -12.37 3.35
C VAL A 54 7.52 -13.05 2.21
N TYR A 55 6.40 -12.45 1.81
CA TYR A 55 5.67 -12.86 0.61
C TYR A 55 5.73 -11.71 -0.39
N ALA A 56 6.51 -11.90 -1.46
CA ALA A 56 6.82 -10.81 -2.36
C ALA A 56 6.24 -10.99 -3.77
N VAL A 57 5.68 -9.89 -4.31
CA VAL A 57 5.16 -9.88 -5.66
C VAL A 57 5.96 -8.79 -6.37
N GLU A 58 6.97 -9.21 -7.12
CA GLU A 58 7.91 -8.26 -7.74
C GLU A 58 7.84 -8.21 -9.27
N GLN A 59 8.03 -7.01 -9.81
CA GLN A 59 8.11 -6.78 -11.23
C GLN A 59 9.57 -6.64 -11.64
N GLU A 60 9.81 -6.57 -12.95
CA GLU A 60 11.11 -6.23 -13.49
C GLU A 60 11.57 -4.85 -12.98
N GLU A 61 12.88 -4.71 -12.75
CA GLU A 61 13.48 -3.49 -12.24
C GLU A 61 13.41 -2.31 -13.24
N LYS A 62 12.22 -1.73 -13.36
CA LYS A 62 11.90 -0.71 -14.37
C LYS A 62 11.41 0.56 -13.67
N GLU A 63 11.82 1.71 -14.19
CA GLU A 63 11.29 3.01 -13.72
C GLU A 63 9.78 3.07 -13.78
N GLY A 64 9.16 3.57 -12.70
CA GLY A 64 7.73 3.76 -12.67
C GLY A 64 6.88 2.56 -12.26
N ASP A 65 7.50 1.38 -12.21
CA ASP A 65 6.79 0.18 -11.75
C ASP A 65 6.86 0.03 -10.23
N LEU A 66 6.01 -0.83 -9.67
CA LEU A 66 5.90 -1.00 -8.21
C LEU A 66 5.87 -2.47 -7.80
N ASN A 67 6.60 -2.78 -6.71
CA ASN A 67 6.55 -4.07 -6.06
C ASN A 67 5.73 -3.95 -4.78
N PHE A 68 5.21 -5.07 -4.30
CA PHE A 68 4.63 -5.09 -2.96
C PHE A 68 4.94 -6.41 -2.27
N ALA A 69 5.02 -6.40 -0.94
CA ALA A 69 5.34 -7.60 -0.16
C ALA A 69 4.75 -7.43 1.21
N THR A 70 4.26 -8.53 1.76
CA THR A 70 3.97 -8.60 3.18
C THR A 70 5.15 -9.22 3.90
N THR A 71 5.30 -8.85 5.17
CA THR A 71 6.30 -9.45 6.03
C THR A 71 5.59 -9.85 7.29
N VAL A 72 5.95 -11.03 7.81
CA VAL A 72 5.50 -11.50 9.11
C VAL A 72 6.74 -11.54 10.02
N LEU A 73 6.85 -10.60 10.96
CA LEU A 73 7.98 -10.53 11.86
C LEU A 73 7.60 -11.17 13.19
N TYR A 74 8.25 -12.30 13.50
CA TYR A 74 7.86 -13.08 14.68
C TYR A 74 8.31 -12.44 15.99
N PRO A 75 7.59 -12.72 17.10
CA PRO A 75 8.03 -12.11 18.36
C PRO A 75 9.25 -12.82 18.93
N GLY A 76 10.07 -12.08 19.66
CA GLY A 76 11.26 -12.63 20.28
C GLY A 76 12.34 -11.64 20.59
N LYS A 77 13.39 -12.13 21.23
CA LYS A 77 14.50 -11.31 21.66
C LYS A 77 15.77 -12.12 21.55
N VAL A 78 16.85 -11.43 21.26
CA VAL A 78 18.18 -12.00 21.35
C VAL A 78 18.83 -11.20 22.48
N GLY A 79 18.95 -11.84 23.64
CA GLY A 79 19.30 -11.14 24.89
C GLY A 79 18.21 -10.13 25.16
N LYS A 80 18.58 -8.86 25.24
CA LYS A 80 17.58 -7.81 25.47
C LYS A 80 16.94 -7.27 24.18
N GLU A 81 17.50 -7.65 23.04
CA GLU A 81 17.19 -7.00 21.77
C GLU A 81 16.02 -7.68 21.03
N PHE A 82 14.99 -6.91 20.70
CA PHE A 82 13.84 -7.44 19.94
C PHE A 82 14.23 -7.93 18.54
N PHE A 83 13.51 -8.95 18.09
CA PHE A 83 13.59 -9.46 16.73
C PHE A 83 13.32 -8.32 15.76
N PHE A 84 14.06 -8.28 14.66
CA PHE A 84 13.90 -7.25 13.66
C PHE A 84 14.23 -7.80 12.28
N THR A 85 13.91 -7.05 11.23
CA THR A 85 14.34 -7.43 9.89
C THR A 85 15.77 -6.94 9.66
N LYS A 86 16.45 -7.52 8.68
CA LYS A 86 17.85 -7.15 8.45
C LYS A 86 18.05 -5.67 8.19
N GLY A 87 17.12 -5.11 7.44
CA GLY A 87 17.13 -3.69 7.08
C GLY A 87 17.98 -3.40 5.85
N HIS A 88 17.74 -2.26 5.21
CA HIS A 88 18.56 -1.85 4.06
C HIS A 88 18.42 -0.38 3.73
N PHE A 89 19.40 0.13 2.97
CA PHE A 89 19.24 1.31 2.14
C PHE A 89 18.80 0.82 0.77
N HIS A 90 18.10 1.65 0.01
CA HIS A 90 17.83 1.31 -1.38
C HIS A 90 19.07 1.60 -2.23
N ALA A 91 19.29 0.78 -3.26
CA ALA A 91 20.47 0.85 -4.14
C ALA A 91 20.40 2.09 -5.04
N LYS A 92 19.17 2.49 -5.37
CA LYS A 92 18.89 3.83 -5.90
C LYS A 92 18.35 4.67 -4.75
N LEU A 93 19.09 5.71 -4.39
CA LEU A 93 18.80 6.44 -3.17
C LEU A 93 17.45 7.17 -3.17
N ASP A 94 17.11 7.87 -4.25
CA ASP A 94 15.86 8.66 -4.25
C ASP A 94 14.61 7.84 -4.62
N ARG A 95 14.38 6.78 -3.87
CA ARG A 95 13.21 5.94 -4.02
C ARG A 95 12.58 5.79 -2.65
N ALA A 96 11.34 6.27 -2.55
CA ALA A 96 10.59 6.24 -1.29
C ALA A 96 9.86 4.91 -1.13
N GLU A 97 9.19 4.71 0.02
CA GLU A 97 8.49 3.46 0.26
C GLU A 97 7.34 3.73 1.22
N VAL A 98 6.25 2.96 1.07
CA VAL A 98 5.10 3.13 1.96
C VAL A 98 4.89 1.80 2.66
N TYR A 99 4.74 1.84 3.98
CA TYR A 99 4.47 0.62 4.77
C TYR A 99 3.11 0.75 5.41
N VAL A 100 2.35 -0.34 5.49
CA VAL A 100 1.01 -0.34 6.11
C VAL A 100 1.01 -1.42 7.17
N ALA A 101 0.82 -1.06 8.46
CA ALA A 101 0.82 -2.08 9.50
C ALA A 101 -0.57 -2.71 9.56
N LEU A 102 -0.58 -4.04 9.67
CA LEU A 102 -1.82 -4.80 9.62
C LEU A 102 -2.19 -5.49 10.94
N LYS A 103 -1.20 -6.03 11.63
CA LYS A 103 -1.41 -6.83 12.84
C LYS A 103 -0.22 -6.68 13.78
N GLY A 104 -0.51 -6.73 15.08
CA GLY A 104 0.52 -6.73 16.11
C GLY A 104 1.06 -5.34 16.39
N LYS A 105 2.17 -5.30 17.11
CA LYS A 105 2.75 -4.07 17.63
C LYS A 105 4.21 -4.06 17.30
N GLY A 106 4.65 -2.99 16.66
CA GLY A 106 5.99 -2.94 16.15
C GLY A 106 6.43 -1.51 15.94
N GLY A 107 7.38 -1.35 15.03
CA GLY A 107 7.83 -0.03 14.69
C GLY A 107 8.93 -0.09 13.67
N MET A 108 9.30 1.08 13.18
CA MET A 108 10.34 1.17 12.19
C MET A 108 11.45 2.05 12.73
N LEU A 109 12.66 1.52 12.60
CA LEU A 109 13.87 2.28 12.87
C LEU A 109 14.45 2.73 11.54
N LEU A 110 14.73 4.02 11.41
CA LEU A 110 15.25 4.56 10.15
C LEU A 110 16.51 5.34 10.47
N GLN A 111 17.38 5.51 9.46
CA GLN A 111 18.67 6.13 9.66
C GLN A 111 19.18 6.75 8.36
N THR A 112 19.76 7.95 8.42
CA THR A 112 20.34 8.56 7.22
C THR A 112 21.74 8.03 7.00
N PRO A 113 22.36 8.31 5.83
CA PRO A 113 23.76 7.90 5.66
C PRO A 113 24.69 8.58 6.66
N GLU A 114 24.21 9.60 7.36
CA GLU A 114 24.98 10.29 8.41
C GLU A 114 24.86 9.61 9.79
N GLY A 115 23.97 8.63 9.89
CA GLY A 115 23.85 7.87 11.12
C GLY A 115 22.83 8.41 12.11
N ASP A 116 22.02 9.38 11.70
CA ASP A 116 20.95 9.86 12.56
C ASP A 116 19.70 9.03 12.39
N ALA A 117 19.22 8.51 13.52
CA ALA A 117 18.13 7.55 13.58
C ALA A 117 16.80 8.17 14.01
N LYS A 118 15.71 7.56 13.55
CA LYS A 118 14.36 7.90 13.95
C LYS A 118 13.58 6.62 14.20
N TRP A 119 12.66 6.66 15.17
CA TRP A 119 11.78 5.55 15.47
C TRP A 119 10.34 5.98 15.30
N ILE A 120 9.58 5.18 14.56
CA ILE A 120 8.14 5.41 14.37
C ILE A 120 7.40 4.17 14.85
N SER A 121 6.53 4.34 15.84
CA SER A 121 5.67 3.27 16.32
C SER A 121 4.68 2.86 15.25
N MET A 122 4.42 1.56 15.19
CA MET A 122 3.47 1.01 14.27
C MET A 122 2.48 0.08 14.97
N GLU A 123 1.20 0.43 14.95
CA GLU A 123 0.13 -0.47 15.34
C GLU A 123 -0.80 -0.65 14.13
N PRO A 124 -1.76 -1.60 14.18
CA PRO A 124 -2.59 -1.82 13.00
C PRO A 124 -3.23 -0.53 12.48
N GLY A 125 -3.10 -0.28 11.18
CA GLY A 125 -3.61 0.96 10.59
C GLY A 125 -2.58 2.08 10.42
N THR A 126 -1.41 1.94 11.03
CA THR A 126 -0.33 2.91 10.84
C THR A 126 0.24 2.79 9.41
N VAL A 127 0.32 3.91 8.71
CA VAL A 127 1.01 3.94 7.41
C VAL A 127 2.26 4.78 7.61
N VAL A 128 3.40 4.25 7.17
CA VAL A 128 4.66 4.92 7.41
C VAL A 128 5.23 5.29 6.04
N TYR A 129 5.61 6.56 5.90
CA TYR A 129 6.26 7.04 4.69
C TYR A 129 7.76 7.02 4.91
N VAL A 130 8.46 6.23 4.08
CA VAL A 130 9.92 6.12 4.16
C VAL A 130 10.50 6.97 3.00
N PRO A 131 11.12 8.12 3.33
CA PRO A 131 11.58 8.95 2.22
C PRO A 131 12.85 8.41 1.61
N ALA A 132 13.23 9.02 0.50
CA ALA A 132 14.47 8.74 -0.19
C ALA A 132 15.62 8.88 0.81
N ASP A 133 16.66 8.08 0.65
CA ASP A 133 17.90 8.24 1.42
C ASP A 133 17.92 7.61 2.83
N TRP A 134 16.79 7.09 3.32
CA TRP A 134 16.76 6.52 4.65
C TRP A 134 16.87 4.99 4.63
N ALA A 135 17.83 4.44 5.36
CA ALA A 135 17.86 3.00 5.63
C ALA A 135 16.72 2.69 6.58
N HIS A 136 16.15 1.49 6.48
CA HIS A 136 14.97 1.20 7.32
C HIS A 136 14.91 -0.24 7.72
N ARG A 137 14.45 -0.48 8.95
CA ARG A 137 14.36 -1.79 9.58
C ARG A 137 13.08 -1.82 10.42
N THR A 138 12.35 -2.94 10.41
CA THR A 138 11.14 -3.08 11.24
C THR A 138 11.50 -3.96 12.43
N VAL A 139 10.82 -3.72 13.54
CA VAL A 139 11.15 -4.35 14.82
C VAL A 139 9.81 -4.77 15.45
N ASN A 140 9.75 -5.99 15.96
CA ASN A 140 8.55 -6.45 16.65
C ASN A 140 8.77 -6.21 18.15
N ILE A 141 7.95 -5.36 18.77
CA ILE A 141 8.10 -5.05 20.21
C ILE A 141 7.03 -5.69 21.10
N GLY A 142 6.27 -6.63 20.55
CA GLY A 142 5.18 -7.29 21.26
C GLY A 142 5.33 -8.80 21.31
N ASP A 143 4.27 -9.48 21.71
CA ASP A 143 4.32 -10.94 21.93
C ASP A 143 3.59 -11.70 20.85
N GLU A 144 3.08 -10.98 19.85
CA GLU A 144 2.37 -11.56 18.70
C GLU A 144 3.12 -11.24 17.41
N PRO A 145 2.88 -12.02 16.33
CA PRO A 145 3.51 -11.64 15.06
C PRO A 145 3.11 -10.22 14.61
N PHE A 146 4.10 -9.48 14.09
CA PHE A 146 3.90 -8.15 13.56
C PHE A 146 3.85 -8.27 12.06
N ILE A 147 2.70 -7.94 11.49
CA ILE A 147 2.45 -8.12 10.05
C ILE A 147 2.24 -6.79 9.34
N PHE A 148 2.94 -6.59 8.22
CA PHE A 148 2.81 -5.35 7.48
C PHE A 148 2.95 -5.60 5.98
N LEU A 149 2.43 -4.66 5.19
CA LEU A 149 2.51 -4.68 3.72
C LEU A 149 3.39 -3.53 3.29
N ALA A 150 4.31 -3.74 2.35
CA ALA A 150 5.15 -2.63 1.90
C ALA A 150 5.02 -2.50 0.40
N ILE A 151 4.98 -1.26 -0.07
CA ILE A 151 4.89 -0.97 -1.49
C ILE A 151 6.07 -0.07 -1.81
N TYR A 152 6.85 -0.46 -2.81
CA TYR A 152 8.14 0.15 -3.07
C TYR A 152 8.42 0.15 -4.58
N PRO A 153 9.13 1.17 -5.08
CA PRO A 153 9.39 1.17 -6.52
C PRO A 153 10.18 -0.07 -6.98
N ALA A 154 9.80 -0.60 -8.13
CA ALA A 154 10.44 -1.83 -8.64
C ALA A 154 11.95 -1.71 -8.88
N ASP A 155 12.44 -0.48 -9.08
CA ASP A 155 13.89 -0.23 -9.32
C ASP A 155 14.64 0.35 -8.10
N ALA A 156 14.05 0.27 -6.93
CA ALA A 156 14.70 0.79 -5.73
C ALA A 156 15.97 0.01 -5.39
N GLY A 157 15.91 -1.29 -5.60
CA GLY A 157 17.02 -2.19 -5.29
C GLY A 157 17.21 -2.31 -3.79
N HIS A 158 18.34 -2.89 -3.40
CA HIS A 158 18.65 -3.06 -1.98
C HIS A 158 20.15 -2.88 -1.76
N ASP A 159 20.50 -2.34 -0.60
CA ASP A 159 21.88 -2.39 -0.13
C ASP A 159 21.85 -2.96 1.28
N TYR A 160 22.04 -4.28 1.36
CA TYR A 160 22.08 -5.00 2.63
C TYR A 160 23.45 -4.89 3.29
N GLY A 161 24.50 -5.08 2.49
CA GLY A 161 25.89 -5.04 2.96
C GLY A 161 26.24 -3.97 3.98
N THR A 162 25.92 -2.72 3.65
CA THR A 162 26.21 -1.58 4.52
C THR A 162 25.72 -1.78 5.96
N ILE A 163 24.48 -2.24 6.09
CA ILE A 163 23.88 -2.51 7.41
C ILE A 163 24.49 -3.76 8.08
N ALA A 164 24.83 -4.75 7.25
CA ALA A 164 25.40 -6.00 7.74
C ALA A 164 26.64 -5.76 8.59
N GLU A 165 27.46 -4.79 8.17
CA GLU A 165 28.71 -4.47 8.86
C GLU A 165 28.56 -3.36 9.92
N LYS A 166 27.78 -2.32 9.59
CA LYS A 166 27.64 -1.17 10.48
C LYS A 166 26.60 -1.43 11.59
N GLY A 167 25.43 -1.93 11.19
CA GLY A 167 24.27 -1.96 12.07
C GLY A 167 23.59 -0.60 12.01
N PHE A 168 22.59 -0.40 12.86
CA PHE A 168 21.98 0.92 13.01
C PHE A 168 22.60 1.59 14.24
N SER A 169 22.51 2.92 14.33
CA SER A 169 23.10 3.66 15.45
C SER A 169 22.32 3.49 16.75
N LYS A 170 21.05 3.11 16.61
CA LYS A 170 20.24 2.75 17.76
C LYS A 170 19.80 1.31 17.70
N ILE A 171 19.53 0.75 18.89
CA ILE A 171 18.96 -0.58 19.04
C ILE A 171 17.65 -0.46 19.85
N VAL A 172 16.78 -1.46 19.75
CA VAL A 172 15.51 -1.43 20.47
C VAL A 172 15.44 -2.62 21.41
N ILE A 173 15.33 -2.34 22.70
CA ILE A 173 15.50 -3.36 23.73
C ILE A 173 14.34 -3.38 24.74
N GLU A 174 14.30 -4.45 25.52
CA GLU A 174 13.41 -4.56 26.66
C GLU A 174 14.27 -4.64 27.92
N GLU A 175 13.95 -3.76 28.86
CA GLU A 175 14.62 -3.67 30.13
C GLU A 175 13.53 -3.24 31.11
N ASN A 176 13.27 -4.06 32.13
CA ASN A 176 12.15 -3.86 33.05
C ASN A 176 10.80 -4.05 32.38
N GLY A 177 10.70 -5.06 31.52
CA GLY A 177 9.53 -5.23 30.68
C GLY A 177 9.09 -3.91 30.07
N GLU A 178 10.06 -3.06 29.74
CA GLU A 178 9.78 -1.79 29.06
C GLU A 178 10.64 -1.59 27.82
N VAL A 179 9.98 -1.18 26.73
CA VAL A 179 10.61 -0.95 25.44
C VAL A 179 11.40 0.36 25.44
N LYS A 180 12.71 0.24 25.23
CA LYS A 180 13.57 1.41 25.14
C LYS A 180 14.32 1.41 23.81
N VAL A 181 14.47 2.59 23.23
CA VAL A 181 15.36 2.81 22.09
C VAL A 181 16.63 3.44 22.64
N VAL A 182 17.74 2.71 22.59
CA VAL A 182 19.01 3.17 23.20
C VAL A 182 20.14 3.18 22.16
N ASP A 183 21.28 3.75 22.54
CA ASP A 183 22.45 3.80 21.67
C ASP A 183 23.01 2.41 21.39
N ASN A 184 23.42 2.17 20.15
CA ASN A 184 24.10 0.93 19.83
C ASN A 184 25.51 0.97 20.41
N PRO A 185 25.77 0.17 21.46
CA PRO A 185 27.06 0.23 22.15
C PRO A 185 28.26 0.00 21.24
N ARG A 186 28.04 -0.59 20.07
CA ARG A 186 29.15 -0.84 19.14
C ARG A 186 29.43 0.33 18.17
N TRP A 187 28.62 1.38 18.27
CA TRP A 187 28.67 2.48 17.29
C TRP A 187 29.90 3.37 17.39
N LYS A 188 30.81 3.21 16.43
CA LYS A 188 31.96 4.08 16.27
C LYS A 188 31.86 4.84 14.95
N LYS A 189 32.19 6.12 14.97
CA LYS A 189 32.08 6.96 13.79
C LYS A 189 31.67 8.39 14.17
N MET B 1 18.81 18.57 3.94
CA MET B 1 19.30 17.47 3.06
C MET B 1 18.27 16.35 2.87
N TYR B 2 17.58 16.00 3.95
CA TYR B 2 16.74 14.79 3.94
C TYR B 2 15.30 15.09 4.35
N LYS B 3 14.35 14.52 3.61
CA LYS B 3 12.93 14.63 3.99
C LYS B 3 12.66 13.84 5.26
N GLU B 4 11.65 14.26 6.02
CA GLU B 4 11.35 13.62 7.30
C GLU B 4 10.45 12.38 7.13
N PRO B 5 10.85 11.19 7.66
CA PRO B 5 9.88 10.09 7.65
C PRO B 5 8.73 10.41 8.62
N PHE B 6 7.58 9.77 8.44
CA PHE B 6 6.44 10.03 9.32
C PHE B 6 5.43 8.91 9.27
N GLY B 7 4.58 8.85 10.30
CA GLY B 7 3.49 7.90 10.32
C GLY B 7 2.18 8.65 10.36
N VAL B 8 1.15 8.08 9.75
CA VAL B 8 -0.22 8.56 9.92
C VAL B 8 -1.09 7.34 10.23
N LYS B 9 -2.29 7.57 10.75
CA LYS B 9 -3.19 6.47 11.05
C LYS B 9 -4.30 6.44 10.00
N VAL B 10 -4.62 5.25 9.52
CA VAL B 10 -5.79 5.06 8.68
C VAL B 10 -6.73 4.24 9.53
N ASP B 11 -7.98 4.68 9.60
CA ASP B 11 -9.03 3.91 10.22
C ASP B 11 -9.61 2.94 9.18
N PHE B 12 -9.37 1.64 9.38
CA PHE B 12 -9.81 0.62 8.42
C PHE B 12 -11.32 0.50 8.31
N GLU B 13 -12.05 0.93 9.35
CA GLU B 13 -13.50 0.84 9.31
C GLU B 13 -14.15 2.04 8.61
N THR B 14 -13.51 3.20 8.67
CA THR B 14 -14.11 4.39 8.06
C THR B 14 -13.38 4.95 6.85
N GLY B 15 -12.12 4.58 6.67
CA GLY B 15 -11.34 5.15 5.57
C GLY B 15 -10.63 6.46 5.86
N ILE B 16 -11.00 7.11 6.97
CA ILE B 16 -10.48 8.43 7.31
C ILE B 16 -8.98 8.38 7.65
N ILE B 17 -8.23 9.34 7.08
CA ILE B 17 -6.88 9.66 7.54
C ILE B 17 -6.96 11.09 8.11
N GLU B 18 -6.82 11.22 9.44
CA GLU B 18 -6.90 12.54 10.10
C GLU B 18 -5.74 13.40 9.61
N GLY B 19 -6.04 14.61 9.13
CA GLY B 19 -4.99 15.54 8.68
C GLY B 19 -4.51 15.29 7.26
N ALA B 20 -5.17 14.38 6.56
CA ALA B 20 -4.95 14.24 5.13
C ALA B 20 -5.80 15.28 4.41
N LYS B 21 -5.53 15.47 3.13
CA LYS B 21 -6.28 16.38 2.27
C LYS B 21 -7.54 15.67 1.79
N LYS B 22 -8.69 16.15 2.24
CA LYS B 22 -9.99 15.53 1.97
C LYS B 22 -10.65 16.15 0.74
N SER B 23 -11.02 15.30 -0.22
CA SER B 23 -11.81 15.69 -1.40
C SER B 23 -13.14 14.98 -1.34
N VAL B 24 -14.21 15.73 -1.59
CA VAL B 24 -15.56 15.16 -1.63
C VAL B 24 -16.13 15.30 -3.06
N ARG B 25 -16.66 14.21 -3.60
CA ARG B 25 -17.36 14.26 -4.88
C ARG B 25 -18.81 13.83 -4.71
N ARG B 26 -19.73 14.77 -4.91
CA ARG B 26 -21.16 14.47 -4.90
C ARG B 26 -21.59 14.12 -6.31
N LEU B 27 -22.81 13.60 -6.44
CA LEU B 27 -23.36 13.26 -7.75
C LEU B 27 -23.36 14.46 -8.71
N SER B 28 -23.63 15.65 -8.17
CA SER B 28 -23.62 16.88 -8.98
C SER B 28 -22.25 17.18 -9.62
N ASP B 29 -21.19 16.61 -9.05
CA ASP B 29 -19.84 16.75 -9.61
C ASP B 29 -19.57 15.79 -10.78
N MET B 30 -20.51 14.91 -11.07
CA MET B 30 -20.31 13.87 -12.07
C MET B 30 -21.32 13.89 -13.26
N GLU B 31 -21.68 15.08 -13.74
CA GLU B 31 -22.51 15.16 -14.95
C GLU B 31 -21.79 14.51 -16.13
N GLY B 32 -22.54 13.78 -16.95
CA GLY B 32 -22.00 13.12 -18.15
C GLY B 32 -21.30 11.79 -17.91
N TYR B 33 -21.21 11.36 -16.65
CA TYR B 33 -20.54 10.10 -16.29
C TYR B 33 -21.41 8.87 -16.32
N PHE B 34 -22.67 9.02 -15.91
CA PHE B 34 -23.58 7.88 -15.84
C PHE B 34 -24.42 7.78 -17.11
N VAL B 35 -24.75 6.55 -17.50
CA VAL B 35 -25.52 6.28 -18.71
C VAL B 35 -26.94 6.85 -18.66
N ASP B 36 -27.56 6.79 -17.49
CA ASP B 36 -28.94 7.25 -17.36
C ASP B 36 -28.97 8.69 -16.86
N GLU B 37 -28.95 9.63 -17.80
CA GLU B 37 -28.91 11.06 -17.45
C GLU B 37 -30.16 11.59 -16.76
N ARG B 38 -31.31 11.00 -17.07
CA ARG B 38 -32.57 11.37 -16.40
C ARG B 38 -32.60 10.89 -14.96
N ALA B 39 -32.01 9.72 -14.72
CA ALA B 39 -31.88 9.20 -13.38
C ALA B 39 -30.87 10.04 -12.60
N TRP B 40 -29.80 10.43 -13.27
CA TRP B 40 -28.80 11.32 -12.68
C TRP B 40 -29.47 12.61 -12.20
N LYS B 41 -30.20 13.26 -13.10
CA LYS B 41 -30.81 14.56 -12.79
C LYS B 41 -31.77 14.49 -11.59
N GLU B 42 -32.64 13.49 -11.60
CA GLU B 42 -33.62 13.23 -10.55
C GLU B 42 -32.92 13.09 -9.19
N LEU B 43 -31.93 12.21 -9.13
CA LEU B 43 -31.19 11.97 -7.89
C LEU B 43 -30.41 13.21 -7.43
N VAL B 44 -29.83 13.95 -8.38
CA VAL B 44 -29.18 15.24 -8.06
C VAL B 44 -30.17 16.23 -7.40
N GLU B 45 -31.35 16.41 -7.98
CA GLU B 45 -32.35 17.36 -7.44
C GLU B 45 -32.97 16.88 -6.13
N LYS B 46 -33.21 15.57 -6.06
CA LYS B 46 -33.83 14.93 -4.91
C LYS B 46 -32.95 15.02 -3.67
N GLU B 47 -31.65 14.73 -3.84
CA GLU B 47 -30.78 14.51 -2.70
C GLU B 47 -29.31 14.92 -2.91
N ASP B 48 -28.82 14.78 -4.14
CA ASP B 48 -27.40 14.98 -4.48
C ASP B 48 -26.42 14.28 -3.50
N PRO B 49 -26.51 12.93 -3.39
CA PRO B 49 -25.68 12.16 -2.47
C PRO B 49 -24.18 12.27 -2.74
N VAL B 50 -23.41 12.10 -1.68
CA VAL B 50 -21.96 11.98 -1.79
C VAL B 50 -21.70 10.64 -2.48
N VAL B 51 -20.96 10.66 -3.59
CA VAL B 51 -20.59 9.42 -4.25
C VAL B 51 -19.29 8.87 -3.63
N TYR B 52 -18.26 9.70 -3.54
CA TYR B 52 -17.03 9.27 -2.87
C TYR B 52 -16.27 10.37 -2.15
N GLU B 53 -15.48 9.98 -1.16
CA GLU B 53 -14.53 10.88 -0.48
C GLU B 53 -13.13 10.30 -0.56
N VAL B 54 -12.15 11.17 -0.65
CA VAL B 54 -10.74 10.77 -0.77
C VAL B 54 -9.93 11.52 0.29
N TYR B 55 -9.06 10.77 0.97
CA TYR B 55 -8.14 11.31 1.94
C TYR B 55 -6.73 11.06 1.44
N ALA B 56 -6.07 12.12 0.97
CA ALA B 56 -4.81 11.95 0.24
C ALA B 56 -3.61 12.54 0.98
N VAL B 57 -2.52 11.79 1.01
CA VAL B 57 -1.24 12.24 1.57
C VAL B 57 -0.24 12.28 0.42
N GLU B 58 -0.01 13.49 -0.09
CA GLU B 58 0.76 13.63 -1.34
C GLU B 58 2.07 14.38 -1.13
N GLN B 59 3.10 13.96 -1.86
CA GLN B 59 4.40 14.65 -1.84
C GLN B 59 4.47 15.58 -3.05
N GLU B 60 5.52 16.41 -3.09
CA GLU B 60 5.78 17.21 -4.29
C GLU B 60 6.01 16.24 -5.45
N GLU B 61 5.47 16.58 -6.62
CA GLU B 61 5.66 15.77 -7.82
C GLU B 61 7.15 15.55 -8.00
N LYS B 62 7.61 14.35 -7.67
CA LYS B 62 9.01 14.00 -7.82
C LYS B 62 9.09 12.55 -8.25
N GLU B 63 9.90 12.30 -9.27
CA GLU B 63 10.22 10.95 -9.71
C GLU B 63 10.70 10.14 -8.50
N GLY B 64 10.32 8.86 -8.43
CA GLY B 64 10.74 7.97 -7.33
C GLY B 64 10.05 8.15 -5.98
N ASP B 65 9.23 9.19 -5.86
CA ASP B 65 8.51 9.43 -4.61
C ASP B 65 7.09 8.88 -4.69
N LEU B 66 6.43 8.71 -3.54
CA LEU B 66 5.11 8.06 -3.52
C LEU B 66 4.06 8.84 -2.72
N ASN B 67 2.84 8.84 -3.27
CA ASN B 67 1.64 9.34 -2.64
C ASN B 67 0.79 8.17 -2.17
N PHE B 68 -0.07 8.39 -1.18
CA PHE B 68 -1.05 7.37 -0.82
C PHE B 68 -2.35 8.06 -0.41
N ALA B 69 -3.46 7.36 -0.65
CA ALA B 69 -4.79 7.91 -0.35
C ALA B 69 -5.79 6.81 -0.12
N THR B 70 -6.72 7.05 0.80
CA THR B 70 -7.88 6.19 0.91
C THR B 70 -9.03 6.79 0.15
N THR B 71 -9.90 5.93 -0.35
CA THR B 71 -11.18 6.33 -0.94
C THR B 71 -12.30 5.60 -0.19
N VAL B 72 -13.38 6.33 0.12
CA VAL B 72 -14.61 5.75 0.64
C VAL B 72 -15.63 5.96 -0.47
N LEU B 73 -16.00 4.86 -1.11
CA LEU B 73 -16.96 4.88 -2.19
C LEU B 73 -18.30 4.40 -1.66
N TYR B 74 -19.28 5.31 -1.64
CA TYR B 74 -20.57 5.02 -1.02
C TYR B 74 -21.41 4.14 -1.92
N PRO B 75 -22.30 3.34 -1.32
CA PRO B 75 -23.21 2.46 -2.04
C PRO B 75 -24.36 3.24 -2.66
N GLY B 76 -24.84 2.76 -3.80
CA GLY B 76 -25.97 3.36 -4.48
C GLY B 76 -25.91 3.09 -5.96
N LYS B 77 -26.96 3.52 -6.66
CA LYS B 77 -27.07 3.32 -8.09
C LYS B 77 -27.64 4.56 -8.73
N VAL B 78 -27.23 4.81 -9.96
CA VAL B 78 -27.85 5.78 -10.85
C VAL B 78 -28.58 4.96 -11.92
N GLY B 79 -29.89 4.80 -11.74
CA GLY B 79 -30.66 3.87 -12.57
C GLY B 79 -30.26 2.46 -12.16
N LYS B 80 -29.70 1.72 -13.12
CA LYS B 80 -29.20 0.38 -12.82
C LYS B 80 -27.70 0.33 -12.56
N GLU B 81 -27.05 1.49 -12.65
CA GLU B 81 -25.59 1.56 -12.69
C GLU B 81 -25.03 1.93 -11.33
N PHE B 82 -24.16 1.07 -10.79
CA PHE B 82 -23.55 1.29 -9.47
C PHE B 82 -22.69 2.55 -9.42
N PHE B 83 -22.68 3.20 -8.25
CA PHE B 83 -21.76 4.31 -7.96
C PHE B 83 -20.33 3.90 -8.25
N PHE B 84 -19.54 4.83 -8.76
CA PHE B 84 -18.17 4.54 -9.12
C PHE B 84 -17.36 5.82 -8.99
N THR B 85 -16.03 5.69 -9.00
CA THR B 85 -15.15 6.87 -9.04
C THR B 85 -15.09 7.35 -10.49
N LYS B 86 -14.70 8.61 -10.70
CA LYS B 86 -14.69 9.16 -12.05
C LYS B 86 -13.79 8.34 -12.95
N GLY B 87 -12.64 7.94 -12.41
CA GLY B 87 -11.65 7.20 -13.19
C GLY B 87 -10.67 8.10 -13.91
N HIS B 88 -9.48 7.59 -14.17
CA HIS B 88 -8.45 8.37 -14.85
C HIS B 88 -7.41 7.50 -15.54
N PHE B 89 -6.62 8.13 -16.41
CA PHE B 89 -5.36 7.60 -16.92
C PHE B 89 -4.33 8.37 -16.16
N HIS B 90 -3.13 7.82 -15.99
CA HIS B 90 -2.07 8.64 -15.45
C HIS B 90 -1.50 9.55 -16.55
N ALA B 91 -1.13 10.77 -16.16
CA ALA B 91 -0.52 11.74 -17.09
C ALA B 91 0.78 11.21 -17.72
N LYS B 92 1.59 10.51 -16.92
CA LYS B 92 2.76 9.80 -17.41
C LYS B 92 2.42 8.31 -17.52
N LEU B 93 2.23 7.81 -18.73
CA LEU B 93 1.70 6.45 -18.95
C LEU B 93 2.65 5.33 -18.49
N ASP B 94 3.80 5.70 -17.95
CA ASP B 94 4.74 4.72 -17.43
C ASP B 94 4.71 4.57 -15.90
N ARG B 95 3.54 4.81 -15.30
CA ARG B 95 3.43 4.77 -13.85
C ARG B 95 2.40 3.73 -13.41
N ALA B 96 2.83 2.79 -12.58
CA ALA B 96 1.92 1.75 -12.07
C ALA B 96 1.30 2.24 -10.76
N GLU B 97 0.34 1.48 -10.23
CA GLU B 97 -0.29 1.85 -8.95
C GLU B 97 -0.68 0.56 -8.22
N VAL B 98 -0.78 0.61 -6.89
CA VAL B 98 -1.23 -0.53 -6.11
C VAL B 98 -2.41 -0.10 -5.24
N TYR B 99 -3.49 -0.89 -5.30
CA TYR B 99 -4.67 -0.71 -4.46
C TYR B 99 -4.79 -1.85 -3.48
N VAL B 100 -5.25 -1.53 -2.28
CA VAL B 100 -5.47 -2.54 -1.25
C VAL B 100 -6.89 -2.33 -0.72
N ALA B 101 -7.77 -3.31 -0.93
CA ALA B 101 -9.16 -3.21 -0.55
C ALA B 101 -9.25 -3.48 0.96
N LEU B 102 -9.99 -2.63 1.67
CA LEU B 102 -10.07 -2.63 3.13
C LEU B 102 -11.43 -3.04 3.71
N LYS B 103 -12.52 -2.64 3.04
CA LYS B 103 -13.86 -2.90 3.59
C LYS B 103 -14.88 -2.88 2.46
N GLY B 104 -15.93 -3.70 2.58
CA GLY B 104 -17.04 -3.69 1.63
C GLY B 104 -16.83 -4.56 0.41
N LYS B 105 -17.60 -4.32 -0.63
CA LYS B 105 -17.57 -5.17 -1.80
C LYS B 105 -17.55 -4.30 -3.06
N GLY B 106 -16.55 -4.51 -3.89
CA GLY B 106 -16.40 -3.68 -5.09
C GLY B 106 -15.53 -4.34 -6.15
N GLY B 107 -15.04 -3.52 -7.04
CA GLY B 107 -14.15 -4.03 -8.08
C GLY B 107 -13.54 -2.90 -8.82
N MET B 108 -12.56 -3.24 -9.64
CA MET B 108 -11.92 -2.28 -10.49
C MET B 108 -12.24 -2.60 -11.93
N LEU B 109 -12.67 -1.58 -12.68
CA LEU B 109 -12.77 -1.64 -14.12
C LEU B 109 -11.54 -0.96 -14.74
N LEU B 110 -10.86 -1.66 -15.63
CA LEU B 110 -9.66 -1.10 -16.26
C LEU B 110 -9.82 -1.17 -17.78
N GLN B 111 -9.15 -0.25 -18.48
CA GLN B 111 -9.31 -0.11 -19.92
C GLN B 111 -8.02 0.36 -20.57
N THR B 112 -7.62 -0.31 -21.65
CA THR B 112 -6.46 0.14 -22.40
C THR B 112 -6.85 1.33 -23.27
N PRO B 113 -5.83 2.04 -23.81
CA PRO B 113 -6.04 3.18 -24.70
C PRO B 113 -6.90 2.82 -25.90
N GLU B 114 -7.04 1.53 -26.18
CA GLU B 114 -7.85 1.06 -27.31
C GLU B 114 -9.31 0.85 -26.94
N GLY B 115 -9.56 0.37 -25.73
CA GLY B 115 -10.91 0.06 -25.25
C GLY B 115 -11.06 -1.37 -24.76
N ASP B 116 -9.96 -2.12 -24.82
CA ASP B 116 -9.87 -3.46 -24.21
C ASP B 116 -10.09 -3.30 -22.71
N ALA B 117 -11.00 -4.11 -22.15
CA ALA B 117 -11.51 -3.95 -20.78
C ALA B 117 -11.16 -5.12 -19.88
N LYS B 118 -11.06 -4.85 -18.58
CA LYS B 118 -10.72 -5.86 -17.60
C LYS B 118 -11.47 -5.53 -16.31
N TRP B 119 -12.05 -6.54 -15.66
CA TRP B 119 -12.70 -6.38 -14.34
C TRP B 119 -11.96 -7.22 -13.33
N ILE B 120 -11.67 -6.60 -12.18
CA ILE B 120 -11.04 -7.33 -11.08
C ILE B 120 -11.88 -7.08 -9.83
N SER B 121 -12.45 -8.16 -9.30
CA SER B 121 -13.29 -8.05 -8.10
C SER B 121 -12.43 -7.69 -6.90
N MET B 122 -13.00 -6.93 -5.96
CA MET B 122 -12.23 -6.51 -4.80
C MET B 122 -13.06 -6.75 -3.53
N GLU B 123 -12.54 -7.57 -2.62
CA GLU B 123 -13.11 -7.72 -1.29
C GLU B 123 -11.96 -7.44 -0.32
N PRO B 124 -12.24 -7.35 1.00
CA PRO B 124 -11.18 -6.97 1.92
C PRO B 124 -9.98 -7.90 1.81
N GLY B 125 -8.79 -7.31 1.66
CA GLY B 125 -7.57 -8.09 1.47
C GLY B 125 -7.09 -8.19 0.04
N THR B 126 -7.97 -7.88 -0.92
CA THR B 126 -7.56 -7.91 -2.32
C THR B 126 -6.52 -6.83 -2.60
N VAL B 127 -5.41 -7.20 -3.22
CA VAL B 127 -4.45 -6.21 -3.70
C VAL B 127 -4.45 -6.20 -5.22
N VAL B 128 -4.66 -5.01 -5.80
CA VAL B 128 -4.69 -4.90 -7.27
C VAL B 128 -3.48 -4.16 -7.80
N TYR B 129 -2.83 -4.79 -8.78
CA TYR B 129 -1.75 -4.18 -9.52
C TYR B 129 -2.34 -3.53 -10.77
N VAL B 130 -2.19 -2.20 -10.84
CA VAL B 130 -2.68 -1.38 -11.94
C VAL B 130 -1.48 -1.00 -12.81
N PRO B 131 -1.34 -1.66 -13.97
CA PRO B 131 -0.13 -1.41 -14.74
C PRO B 131 -0.19 -0.08 -15.47
N ALA B 132 0.99 0.38 -15.88
CA ALA B 132 1.10 1.43 -16.89
C ALA B 132 0.10 1.21 -18.03
N ASP B 133 -0.44 2.32 -18.54
CA ASP B 133 -1.27 2.33 -19.79
C ASP B 133 -2.75 2.04 -19.58
N TRP B 134 -3.15 1.63 -18.37
CA TRP B 134 -4.54 1.29 -18.11
C TRP B 134 -5.26 2.41 -17.38
N ALA B 135 -6.38 2.87 -17.94
CA ALA B 135 -7.32 3.76 -17.25
C ALA B 135 -8.02 2.91 -16.20
N HIS B 136 -8.38 3.51 -15.07
CA HIS B 136 -8.91 2.71 -13.99
C HIS B 136 -10.00 3.46 -13.21
N ARG B 137 -11.01 2.69 -12.81
CA ARG B 137 -12.18 3.18 -12.07
C ARG B 137 -12.60 2.10 -11.09
N THR B 138 -13.02 2.49 -9.89
CA THR B 138 -13.52 1.52 -8.91
C THR B 138 -15.04 1.67 -8.76
N VAL B 139 -15.70 0.58 -8.39
CA VAL B 139 -17.15 0.46 -8.47
C VAL B 139 -17.55 -0.21 -7.19
N ASN B 140 -18.60 0.29 -6.53
CA ASN B 140 -19.16 -0.30 -5.34
C ASN B 140 -20.35 -1.13 -5.76
N ILE B 141 -20.24 -2.44 -5.57
CA ILE B 141 -21.31 -3.35 -5.96
C ILE B 141 -22.13 -3.90 -4.78
N GLY B 142 -21.92 -3.34 -3.59
CA GLY B 142 -22.59 -3.82 -2.38
C GLY B 142 -23.49 -2.79 -1.71
N ASP B 143 -23.87 -3.03 -0.46
CA ASP B 143 -24.82 -2.18 0.27
C ASP B 143 -24.17 -1.31 1.34
N GLU B 144 -22.87 -1.44 1.49
CA GLU B 144 -22.13 -0.69 2.49
C GLU B 144 -20.95 0.03 1.80
N PRO B 145 -20.28 0.97 2.51
CA PRO B 145 -19.17 1.66 1.83
C PRO B 145 -18.04 0.72 1.42
N PHE B 146 -17.46 1.00 0.25
CA PHE B 146 -16.34 0.24 -0.25
C PHE B 146 -15.09 1.09 -0.03
N ILE B 147 -14.17 0.56 0.75
CA ILE B 147 -13.04 1.36 1.23
C ILE B 147 -11.73 0.74 0.79
N PHE B 148 -10.87 1.56 0.20
CA PHE B 148 -9.56 1.07 -0.27
C PHE B 148 -8.45 2.11 -0.11
N LEU B 149 -7.22 1.61 -0.12
CA LEU B 149 -6.01 2.41 0.03
C LEU B 149 -5.28 2.29 -1.30
N ALA B 150 -4.88 3.42 -1.87
CA ALA B 150 -4.09 3.41 -3.13
C ALA B 150 -2.70 4.01 -2.90
N ILE B 151 -1.70 3.40 -3.51
CA ILE B 151 -0.33 3.90 -3.40
C ILE B 151 0.15 4.08 -4.82
N TYR B 152 0.60 5.30 -5.12
CA TYR B 152 0.87 5.71 -6.50
C TYR B 152 2.05 6.68 -6.58
N PRO B 153 2.84 6.61 -7.67
CA PRO B 153 4.00 7.50 -7.80
C PRO B 153 3.61 8.96 -7.76
N ALA B 154 4.40 9.76 -7.08
CA ALA B 154 4.08 11.17 -6.84
C ALA B 154 4.01 11.99 -8.14
N ASP B 155 4.66 11.47 -9.19
CA ASP B 155 4.72 12.14 -10.49
C ASP B 155 3.82 11.50 -11.56
N ALA B 156 2.92 10.61 -11.13
CA ALA B 156 2.01 9.90 -12.04
C ALA B 156 1.13 10.86 -12.84
N GLY B 157 0.65 11.89 -12.15
CA GLY B 157 -0.28 12.83 -12.74
C GLY B 157 -1.63 12.15 -12.87
N HIS B 158 -2.61 12.91 -13.32
CA HIS B 158 -3.95 12.41 -13.52
C HIS B 158 -4.45 13.02 -14.82
N ASP B 159 -4.98 12.16 -15.69
CA ASP B 159 -5.77 12.60 -16.84
C ASP B 159 -7.22 12.15 -16.66
N TYR B 160 -8.03 13.04 -16.09
CA TYR B 160 -9.49 12.80 -15.96
C TYR B 160 -10.21 13.15 -17.25
N GLY B 161 -9.54 13.94 -18.10
CA GLY B 161 -10.15 14.56 -19.28
C GLY B 161 -10.75 13.60 -20.29
N THR B 162 -9.93 12.63 -20.72
CA THR B 162 -10.36 11.64 -21.70
C THR B 162 -11.57 10.80 -21.21
N ILE B 163 -11.53 10.37 -19.95
CA ILE B 163 -12.65 9.58 -19.40
C ILE B 163 -13.94 10.40 -19.28
N ALA B 164 -13.82 11.66 -18.85
CA ALA B 164 -14.95 12.57 -18.77
C ALA B 164 -15.74 12.59 -20.08
N GLU B 165 -15.01 12.63 -21.20
CA GLU B 165 -15.63 12.69 -22.52
C GLU B 165 -16.08 11.32 -23.02
N LYS B 166 -15.18 10.33 -22.97
CA LYS B 166 -15.42 9.02 -23.56
C LYS B 166 -16.12 8.02 -22.62
N GLY B 167 -15.75 8.04 -21.35
CA GLY B 167 -16.20 7.01 -20.42
C GLY B 167 -15.46 5.71 -20.64
N PHE B 168 -15.95 4.65 -20.02
CA PHE B 168 -15.37 3.32 -20.14
C PHE B 168 -16.21 2.49 -21.12
N SER B 169 -15.56 1.52 -21.76
CA SER B 169 -16.23 0.67 -22.75
C SER B 169 -17.19 -0.32 -22.11
N LYS B 170 -17.04 -0.52 -20.81
CA LYS B 170 -17.96 -1.36 -20.05
C LYS B 170 -18.63 -0.55 -18.96
N ILE B 171 -19.81 -1.01 -18.54
CA ILE B 171 -20.51 -0.48 -17.38
C ILE B 171 -20.85 -1.64 -16.46
N VAL B 172 -21.10 -1.33 -15.19
CA VAL B 172 -21.41 -2.34 -14.17
C VAL B 172 -22.77 -2.00 -13.61
N ILE B 173 -23.71 -2.91 -13.86
CA ILE B 173 -25.11 -2.71 -13.51
C ILE B 173 -25.68 -3.82 -12.63
N GLU B 174 -26.86 -3.56 -12.08
CA GLU B 174 -27.62 -4.59 -11.44
C GLU B 174 -28.89 -4.81 -12.24
N GLU B 175 -29.13 -6.06 -12.61
CA GLU B 175 -30.40 -6.49 -13.18
C GLU B 175 -30.78 -7.74 -12.43
N ASN B 176 -31.82 -7.63 -11.60
CA ASN B 176 -32.41 -8.77 -10.89
C ASN B 176 -31.64 -9.19 -9.63
N GLY B 177 -30.87 -8.26 -9.08
CA GLY B 177 -30.01 -8.61 -7.97
C GLY B 177 -28.75 -9.29 -8.46
N GLU B 178 -28.63 -9.39 -9.79
CA GLU B 178 -27.39 -9.87 -10.41
C GLU B 178 -26.53 -8.71 -10.86
N VAL B 179 -25.31 -8.67 -10.34
CA VAL B 179 -24.29 -7.75 -10.80
C VAL B 179 -23.77 -8.25 -12.15
N LYS B 180 -23.77 -7.36 -13.14
CA LYS B 180 -23.36 -7.71 -14.49
C LYS B 180 -22.40 -6.68 -14.99
N VAL B 181 -21.37 -7.13 -15.70
CA VAL B 181 -20.48 -6.23 -16.41
C VAL B 181 -20.85 -6.36 -17.87
N VAL B 182 -21.38 -5.28 -18.45
CA VAL B 182 -21.91 -5.30 -19.83
C VAL B 182 -21.34 -4.13 -20.67
N ASP B 183 -21.50 -4.23 -21.99
CA ASP B 183 -21.10 -3.18 -22.92
C ASP B 183 -21.72 -1.84 -22.57
N ASN B 184 -20.94 -0.78 -22.68
CA ASN B 184 -21.47 0.58 -22.54
C ASN B 184 -22.30 0.92 -23.79
N PRO B 185 -23.63 1.13 -23.62
CA PRO B 185 -24.44 1.45 -24.80
C PRO B 185 -23.85 2.67 -25.52
N ARG B 186 -23.42 3.67 -24.75
CA ARG B 186 -22.88 4.91 -25.30
C ARG B 186 -21.44 4.81 -25.82
N TRP B 187 -20.96 3.58 -26.05
CA TRP B 187 -19.61 3.35 -26.58
C TRP B 187 -19.57 3.27 -28.11
N LYS B 188 -19.06 4.33 -28.72
CA LYS B 188 -18.92 4.41 -30.17
C LYS B 188 -17.46 4.69 -30.53
N LYS B 189 -16.59 4.61 -29.53
CA LYS B 189 -15.17 4.86 -29.75
C LYS B 189 -14.37 3.56 -29.76
MN MN C . 12.90 -0.91 1.28
MN MN D . -4.49 6.19 -10.40
#